data_2YFS
#
_entry.id   2YFS
#
_cell.length_a   171.951
_cell.length_b   171.951
_cell.length_c   116.503
_cell.angle_alpha   90.00
_cell.angle_beta   90.00
_cell.angle_gamma   90.00
#
_symmetry.space_group_name_H-M   'I 4 2 2'
#
loop_
_entity.id
_entity.type
_entity.pdbx_description
1 polymer LEVANSUCRASE
2 branched beta-D-fructofuranose-(2-1)-alpha-D-glucopyranose
3 non-polymer 'CALCIUM ION'
4 non-polymer 'SULFATE ION'
5 water water
#
_entity_poly.entity_id   1
_entity_poly.type   'polypeptide(L)'
_entity_poly.pdbx_seq_one_letter_code
;MDVKQVEKKDSVDKTNAEENKDSSVKPAENATKAELKGQVKDIVEESGVDTSKLTNDQINELNKINFSKEAKSGTQLTYN
DFKKIAKTLIEQDARYAIPFFNASKIKNMPAAKTLDAQSGKVEDLEIWNSWPVQDAKTGYVSNWNGYQLVIGMMGVPNVN
DNHIYLLYNKYGDNDFNHWKNAGPIFGLGTPVIQQWSGSATLNKDGSIQLYYTKVDTSDNNTNHQKLASATVYLNLEKDQ
DKISIAHVDNDHIVFEGDGYHYQTYDQWKETNKGADNIAMRDAHVIDDDNGNRYLVFEASTGTENYQGDDQIYQWLNYGG
TNKDNLGDFFQILSNSDIKDRAKWSNAAIGIIKLNDDVKNPSVAKVYSPLISAPMVSDEIERPDVVKLGNKYYLFAATRL
NRGSNDDAWMATNKAVGDNVAMIGYVSDNLTHGYVPLNESGVVLTASVPANWRTATYSYYAVPVEGRDDQLLITSYITNR
GEVAGKGMHATWAPSFLLQINPDNTTTVLAKMTNQGDWIWDDSSENPDMMGVLEKDAPNSAALPGEWGKPVDWDLIGGYN
LKPHQHHHHHH
;
_entity_poly.pdbx_strand_id   A
#
# COMPACT_ATOMS: atom_id res chain seq x y z
N LYS A 33 34.90 -10.07 -30.29
CA LYS A 33 35.01 -10.58 -31.69
C LYS A 33 33.62 -10.90 -32.29
N ALA A 34 32.75 -11.53 -31.49
CA ALA A 34 31.43 -12.06 -31.93
C ALA A 34 30.33 -11.01 -32.28
N GLU A 35 29.14 -11.51 -32.64
CA GLU A 35 28.05 -10.67 -33.18
C GLU A 35 26.65 -10.99 -32.61
N LEU A 36 25.69 -10.11 -32.89
CA LEU A 36 24.33 -10.23 -32.39
C LEU A 36 23.60 -11.46 -32.94
N LYS A 37 23.01 -12.23 -32.04
CA LYS A 37 22.47 -13.52 -32.40
C LYS A 37 21.05 -13.65 -31.88
N GLY A 38 20.13 -14.04 -32.75
CA GLY A 38 18.72 -14.28 -32.39
C GLY A 38 17.81 -13.07 -32.60
N GLN A 39 16.72 -13.04 -31.83
CA GLN A 39 15.73 -11.98 -31.91
C GLN A 39 16.29 -10.57 -31.63
N VAL A 40 17.35 -10.48 -30.85
CA VAL A 40 17.92 -9.19 -30.46
C VAL A 40 18.45 -8.42 -31.66
N LYS A 41 18.91 -9.16 -32.68
CA LYS A 41 19.36 -8.60 -33.93
C LYS A 41 18.26 -7.72 -34.51
N ASP A 42 17.09 -8.30 -34.75
CA ASP A 42 15.90 -7.56 -35.26
C ASP A 42 15.61 -6.33 -34.41
N ILE A 43 15.69 -6.51 -33.09
CA ILE A 43 15.41 -5.45 -32.10
C ILE A 43 16.36 -4.26 -32.24
N VAL A 44 17.65 -4.52 -32.35
CA VAL A 44 18.62 -3.43 -32.46
C VAL A 44 18.36 -2.64 -33.74
N GLU A 45 18.14 -3.32 -34.87
CA GLU A 45 17.85 -2.63 -36.14
C GLU A 45 16.59 -1.74 -36.09
N GLU A 46 15.45 -2.33 -35.70
CA GLU A 46 14.23 -1.55 -35.47
C GLU A 46 14.50 -0.20 -34.76
N SER A 47 15.46 -0.21 -33.83
CA SER A 47 15.75 0.93 -32.97
C SER A 47 16.53 2.04 -33.63
N GLY A 48 17.21 1.71 -34.73
CA GLY A 48 18.06 2.69 -35.42
C GLY A 48 19.41 2.86 -34.75
N VAL A 49 19.88 1.78 -34.12
CA VAL A 49 21.16 1.81 -33.47
C VAL A 49 22.19 1.28 -34.47
N ASP A 50 23.28 2.03 -34.61
CA ASP A 50 24.39 1.64 -35.49
C ASP A 50 25.16 0.41 -34.95
N THR A 51 24.84 -0.76 -35.51
CA THR A 51 25.38 -2.05 -35.07
C THR A 51 26.91 -2.07 -34.93
N SER A 52 27.60 -1.35 -35.82
CA SER A 52 29.06 -1.37 -35.81
C SER A 52 29.58 -0.63 -34.60
N LYS A 53 28.86 0.41 -34.18
CA LYS A 53 29.26 1.21 -33.02
C LYS A 53 28.97 0.53 -31.67
N LEU A 54 28.67 -0.76 -31.69
CA LEU A 54 28.45 -1.52 -30.46
C LEU A 54 29.73 -2.20 -30.01
N THR A 55 30.15 -1.91 -28.79
CA THR A 55 31.36 -2.52 -28.24
C THR A 55 31.14 -4.00 -28.07
N ASN A 56 32.23 -4.73 -27.88
CA ASN A 56 32.19 -6.18 -27.71
C ASN A 56 31.32 -6.63 -26.55
N ASP A 57 31.40 -5.89 -25.43
CA ASP A 57 30.68 -6.23 -24.19
C ASP A 57 29.18 -6.01 -24.32
N GLN A 58 28.82 -4.87 -24.90
CA GLN A 58 27.44 -4.57 -25.25
C GLN A 58 26.77 -5.75 -25.97
N ILE A 59 27.42 -6.23 -27.02
CA ILE A 59 26.89 -7.34 -27.80
C ILE A 59 26.74 -8.59 -26.94
N ASN A 60 27.64 -8.77 -25.98
CA ASN A 60 27.56 -9.95 -25.12
C ASN A 60 26.39 -9.87 -24.15
N GLU A 61 26.17 -8.67 -23.60
CA GLU A 61 25.01 -8.40 -22.77
C GLU A 61 23.69 -8.55 -23.58
N LEU A 62 23.61 -7.84 -24.70
CA LEU A 62 22.45 -7.95 -25.59
C LEU A 62 22.13 -9.39 -25.93
N ASN A 63 23.15 -10.21 -26.15
CA ASN A 63 22.92 -11.63 -26.42
C ASN A 63 22.40 -12.42 -25.22
N LYS A 64 22.41 -11.81 -24.04
CA LYS A 64 21.88 -12.47 -22.83
C LYS A 64 20.38 -12.26 -22.68
N ILE A 65 19.84 -11.21 -23.32
CA ILE A 65 18.41 -10.95 -23.23
C ILE A 65 17.60 -12.19 -23.62
N ASN A 66 16.55 -12.45 -22.85
CA ASN A 66 15.65 -13.58 -23.05
C ASN A 66 14.25 -13.07 -23.43
N PHE A 67 13.73 -13.53 -24.55
CA PHE A 67 12.51 -12.94 -25.12
C PHE A 67 11.24 -13.72 -24.88
N SER A 68 11.29 -14.74 -24.03
CA SER A 68 10.09 -15.49 -23.63
C SER A 68 8.90 -14.55 -23.45
N LYS A 69 7.74 -14.94 -23.95
CA LYS A 69 6.54 -14.11 -23.78
C LYS A 69 5.63 -14.64 -22.64
N GLU A 70 6.02 -15.76 -22.04
CA GLU A 70 5.20 -16.42 -21.02
C GLU A 70 5.38 -15.72 -19.68
N ALA A 71 4.29 -15.09 -19.21
CA ALA A 71 4.24 -14.41 -17.91
C ALA A 71 4.24 -15.43 -16.79
N LYS A 72 5.24 -15.34 -15.91
CA LYS A 72 5.45 -16.31 -14.84
C LYS A 72 4.70 -15.99 -13.54
N SER A 73 4.46 -14.71 -13.26
CA SER A 73 3.90 -14.32 -11.96
C SER A 73 2.78 -13.25 -12.03
N GLY A 74 1.70 -13.55 -12.76
CA GLY A 74 0.57 -12.64 -12.91
C GLY A 74 0.87 -11.38 -13.71
N THR A 75 -0.01 -10.40 -13.63
CA THR A 75 0.17 -9.11 -14.30
C THR A 75 1.35 -8.41 -13.67
N GLN A 76 2.16 -7.73 -14.46
CA GLN A 76 3.38 -7.17 -13.93
C GLN A 76 3.35 -5.66 -13.87
N LEU A 77 4.01 -5.10 -12.86
CA LEU A 77 4.30 -3.68 -12.84
C LEU A 77 5.64 -3.62 -13.58
N THR A 78 5.63 -3.13 -14.81
CA THR A 78 6.85 -3.13 -15.62
C THR A 78 7.70 -1.88 -15.39
N TYR A 79 8.93 -1.91 -15.92
CA TYR A 79 9.84 -0.77 -15.82
C TYR A 79 9.19 0.43 -16.46
N ASN A 80 8.44 0.18 -17.53
CA ASN A 80 7.79 1.24 -18.24
C ASN A 80 6.63 1.82 -17.45
N ASP A 81 5.81 0.94 -16.86
CA ASP A 81 4.71 1.35 -16.00
C ASP A 81 5.26 2.25 -14.86
N PHE A 82 6.31 1.78 -14.19
CA PHE A 82 6.92 2.55 -13.13
C PHE A 82 7.26 3.96 -13.57
N LYS A 83 7.93 4.09 -14.72
CA LYS A 83 8.39 5.37 -15.28
C LYS A 83 7.24 6.32 -15.57
N LYS A 84 6.17 5.74 -16.10
CA LYS A 84 4.95 6.45 -16.43
C LYS A 84 4.28 6.90 -15.14
N ILE A 85 4.23 6.00 -14.15
CA ILE A 85 3.69 6.37 -12.83
C ILE A 85 4.43 7.59 -12.25
N ALA A 86 5.75 7.55 -12.24
CA ALA A 86 6.59 8.66 -11.80
C ALA A 86 6.34 9.94 -12.59
N LYS A 87 6.12 9.81 -13.90
CA LYS A 87 5.87 10.95 -14.78
C LYS A 87 4.52 11.59 -14.47
N THR A 88 3.52 10.74 -14.27
CA THR A 88 2.18 11.19 -13.91
C THR A 88 2.22 11.91 -12.55
N LEU A 89 3.11 11.44 -11.67
CA LEU A 89 3.26 12.08 -10.39
C LEU A 89 3.80 13.48 -10.57
N ILE A 90 4.91 13.60 -11.29
CA ILE A 90 5.58 14.88 -11.49
C ILE A 90 4.64 15.90 -12.15
N GLU A 91 3.65 15.42 -12.93
CA GLU A 91 2.73 16.29 -13.63
C GLU A 91 1.66 16.88 -12.78
N GLN A 92 1.34 16.21 -11.68
CA GLN A 92 0.33 16.68 -10.71
C GLN A 92 -1.04 16.92 -11.33
N ASP A 93 -1.50 15.91 -12.04
CA ASP A 93 -2.77 15.96 -12.74
C ASP A 93 -3.90 15.79 -11.74
N ALA A 94 -4.90 16.67 -11.80
CA ALA A 94 -6.06 16.58 -10.92
C ALA A 94 -6.83 15.27 -11.03
N ARG A 95 -6.56 14.49 -12.07
CA ARG A 95 -7.26 13.22 -12.19
C ARG A 95 -6.79 12.24 -11.10
N TYR A 96 -5.50 12.35 -10.76
CA TYR A 96 -4.82 11.37 -9.93
C TYR A 96 -4.18 11.92 -8.65
N ALA A 97 -3.88 13.22 -8.64
CA ALA A 97 -3.19 13.86 -7.51
C ALA A 97 -4.08 13.83 -6.25
N ILE A 98 -3.52 13.38 -5.13
CA ILE A 98 -4.22 13.47 -3.84
C ILE A 98 -4.61 14.93 -3.60
N PRO A 99 -5.90 15.15 -3.35
CA PRO A 99 -6.40 16.48 -3.10
C PRO A 99 -5.61 17.11 -1.97
N PHE A 100 -5.50 18.44 -2.00
CA PHE A 100 -4.88 19.21 -0.93
C PHE A 100 -5.82 19.24 0.24
N PHE A 101 -5.24 19.14 1.44
CA PHE A 101 -6.00 19.23 2.70
C PHE A 101 -5.77 20.57 3.39
N ASN A 102 -6.77 21.04 4.10
CA ASN A 102 -6.63 22.23 4.92
C ASN A 102 -5.81 21.93 6.19
N ALA A 103 -4.53 22.28 6.16
CA ALA A 103 -3.59 21.91 7.21
C ALA A 103 -4.01 22.37 8.60
N SER A 104 -4.54 23.57 8.71
CA SER A 104 -4.94 24.10 10.01
C SER A 104 -6.05 23.30 10.64
N LYS A 105 -6.74 22.44 9.89
CA LYS A 105 -7.83 21.64 10.49
C LYS A 105 -7.37 20.27 10.95
N ILE A 106 -6.19 19.84 10.50
CA ILE A 106 -5.68 18.53 10.89
C ILE A 106 -5.26 18.53 12.36
N LYS A 107 -5.86 17.64 13.15
CA LYS A 107 -5.45 17.46 14.54
C LYS A 107 -5.08 16.01 14.87
N ASN A 108 -4.20 15.84 15.87
CA ASN A 108 -3.89 14.52 16.38
C ASN A 108 -5.17 13.83 16.87
N MET A 109 -5.24 12.52 16.75
CA MET A 109 -6.44 11.84 17.18
C MET A 109 -6.61 11.83 18.71
N PRO A 110 -7.73 12.38 19.24
CA PRO A 110 -7.93 12.36 20.71
C PRO A 110 -7.87 10.95 21.32
N ALA A 111 -8.46 9.95 20.65
CA ALA A 111 -8.39 8.56 21.13
C ALA A 111 -6.98 7.96 21.08
N ALA A 112 -6.03 8.75 20.61
CA ALA A 112 -4.66 8.36 20.60
C ALA A 112 -3.97 8.67 21.93
N LYS A 113 -4.65 9.41 22.82
CA LYS A 113 -4.13 9.59 24.17
C LYS A 113 -4.64 8.40 24.94
N THR A 114 -3.81 7.40 25.12
CA THR A 114 -4.32 6.10 25.53
C THR A 114 -3.20 5.24 26.11
N LEU A 115 -3.55 4.14 26.78
CA LEU A 115 -2.57 3.19 27.31
C LEU A 115 -1.77 2.56 26.19
N ASP A 116 -0.45 2.68 26.27
CA ASP A 116 0.47 2.12 25.30
C ASP A 116 0.81 0.66 25.61
N ALA A 117 0.77 -0.20 24.59
CA ALA A 117 1.05 -1.63 24.72
C ALA A 117 2.41 -1.98 25.32
N GLN A 118 3.44 -1.16 25.09
CA GLN A 118 4.80 -1.49 25.54
C GLN A 118 5.23 -0.81 26.84
N SER A 119 4.36 -0.01 27.44
CA SER A 119 4.71 0.60 28.72
C SER A 119 3.61 0.42 29.75
N GLY A 120 2.40 0.12 29.31
CA GLY A 120 1.26 0.04 30.22
C GLY A 120 0.74 1.37 30.78
N LYS A 121 1.34 2.49 30.35
CA LYS A 121 0.99 3.83 30.80
C LYS A 121 0.28 4.62 29.73
N VAL A 122 -0.55 5.59 30.16
CA VAL A 122 -1.25 6.48 29.21
C VAL A 122 -0.25 7.41 28.56
N GLU A 123 -0.19 7.35 27.23
CA GLU A 123 0.71 8.19 26.46
C GLU A 123 0.05 8.72 25.18
N ASP A 124 0.72 9.69 24.58
CA ASP A 124 0.32 10.23 23.31
C ASP A 124 0.85 9.42 22.15
N LEU A 125 0.05 8.51 21.65
CA LEU A 125 0.49 7.64 20.56
C LEU A 125 0.14 8.34 19.28
N GLU A 126 0.73 7.89 18.18
CA GLU A 126 0.23 8.26 16.87
C GLU A 126 -0.37 6.98 16.28
N ILE A 127 -1.20 7.15 15.25
CA ILE A 127 -1.94 6.06 14.65
C ILE A 127 -1.71 6.10 13.15
N TRP A 128 -1.37 4.94 12.56
CA TRP A 128 -1.19 4.86 11.10
C TRP A 128 -2.10 3.85 10.39
N ASN A 129 -1.53 2.82 9.75
CA ASN A 129 -2.34 1.89 8.99
C ASN A 129 -3.59 1.47 9.76
N SER A 130 -4.76 1.61 9.17
CA SER A 130 -5.99 1.37 9.86
C SER A 130 -6.98 0.70 8.92
N TRP A 131 -7.87 -0.09 9.49
CA TRP A 131 -8.81 -0.80 8.68
C TRP A 131 -10.11 -1.03 9.44
N PRO A 132 -11.24 -0.88 8.73
CA PRO A 132 -12.56 -1.02 9.33
C PRO A 132 -12.89 -2.49 9.48
N VAL A 133 -13.65 -2.86 10.49
CA VAL A 133 -14.29 -4.17 10.47
C VAL A 133 -15.36 -4.06 9.41
N GLN A 134 -15.28 -4.92 8.40
CA GLN A 134 -16.13 -4.81 7.21
C GLN A 134 -16.65 -6.16 6.71
N ASP A 135 -17.79 -6.13 6.00
CA ASP A 135 -18.38 -7.32 5.34
CA ASP A 135 -18.36 -7.33 5.40
C ASP A 135 -17.39 -7.89 4.33
N ALA A 136 -17.25 -9.20 4.28
CA ALA A 136 -16.25 -9.83 3.40
C ALA A 136 -16.54 -9.90 1.89
N LYS A 137 -17.82 -9.86 1.50
CA LYS A 137 -18.15 -9.86 0.06
C LYS A 137 -18.20 -8.44 -0.44
N THR A 138 -18.94 -7.59 0.28
CA THR A 138 -19.24 -6.24 -0.21
C THR A 138 -18.22 -5.18 0.14
N GLY A 139 -17.49 -5.38 1.24
CA GLY A 139 -16.54 -4.39 1.74
C GLY A 139 -17.18 -3.32 2.61
N TYR A 140 -18.50 -3.29 2.71
CA TYR A 140 -19.17 -2.25 3.49
C TYR A 140 -18.78 -2.27 4.94
N VAL A 141 -18.51 -1.10 5.51
CA VAL A 141 -18.16 -1.01 6.92
C VAL A 141 -19.31 -1.60 7.73
N SER A 142 -18.99 -2.55 8.61
CA SER A 142 -20.00 -3.26 9.38
C SER A 142 -20.60 -2.43 10.51
N ASN A 143 -21.87 -2.73 10.81
CA ASN A 143 -22.59 -2.10 11.92
C ASN A 143 -22.69 -3.12 13.05
N TRP A 144 -21.96 -2.89 14.14
CA TRP A 144 -21.95 -3.85 15.25
C TRP A 144 -22.63 -3.19 16.41
N ASN A 145 -23.85 -3.65 16.71
CA ASN A 145 -24.69 -3.10 17.79
C ASN A 145 -24.80 -1.59 17.75
N GLY A 146 -24.82 -1.04 16.54
CA GLY A 146 -24.90 0.40 16.39
C GLY A 146 -23.55 1.09 16.43
N TYR A 147 -22.46 0.33 16.55
CA TYR A 147 -21.11 0.89 16.44
C TYR A 147 -20.37 0.56 15.13
N GLN A 148 -19.52 1.45 14.67
CA GLN A 148 -18.50 1.15 13.64
C GLN A 148 -17.17 0.87 14.38
N LEU A 149 -16.39 -0.08 13.88
CA LEU A 149 -15.20 -0.58 14.55
C LEU A 149 -14.03 -0.50 13.58
N VAL A 150 -12.91 0.03 14.06
CA VAL A 150 -11.72 0.17 13.23
C VAL A 150 -10.56 -0.36 14.05
N ILE A 151 -9.64 -1.01 13.38
CA ILE A 151 -8.46 -1.56 14.02
C ILE A 151 -7.27 -0.93 13.35
N GLY A 152 -6.30 -0.47 14.14
CA GLY A 152 -5.18 0.29 13.60
C GLY A 152 -3.87 0.10 14.34
N MET A 153 -2.77 0.34 13.63
CA MET A 153 -1.47 0.35 14.23
C MET A 153 -1.28 1.66 14.99
N MET A 154 -0.87 1.56 16.25
CA MET A 154 -0.56 2.75 17.04
C MET A 154 0.69 2.51 17.85
N GLY A 155 1.32 3.60 18.26
CA GLY A 155 2.50 3.50 19.10
C GLY A 155 3.14 4.86 19.28
N VAL A 156 4.17 4.91 20.10
CA VAL A 156 4.79 6.18 20.48
C VAL A 156 5.75 6.58 19.38
N PRO A 157 5.75 7.85 19.00
CA PRO A 157 6.61 8.25 17.90
C PRO A 157 8.06 8.10 18.28
N ASN A 158 8.85 7.62 17.32
CA ASN A 158 10.27 7.31 17.47
C ASN A 158 10.63 6.21 18.45
N VAL A 159 9.63 5.43 18.82
CA VAL A 159 9.91 4.21 19.59
C VAL A 159 9.54 3.06 18.68
N ASN A 160 10.32 1.98 18.70
CA ASN A 160 9.91 0.76 18.03
C ASN A 160 8.76 0.13 18.83
N ASP A 161 7.55 0.43 18.39
CA ASP A 161 6.34 0.19 19.17
C ASP A 161 5.16 -0.04 18.21
N ASN A 162 5.13 -1.23 17.61
CA ASN A 162 4.17 -1.61 16.57
C ASN A 162 3.11 -2.63 17.04
N HIS A 163 1.94 -2.13 17.41
CA HIS A 163 0.89 -2.96 17.94
C HIS A 163 -0.45 -2.46 17.43
N ILE A 164 -1.48 -3.31 17.50
CA ILE A 164 -2.79 -2.95 16.97
C ILE A 164 -3.82 -2.74 18.07
N TYR A 165 -4.75 -1.83 17.81
CA TYR A 165 -5.68 -1.36 18.80
C TYR A 165 -7.06 -1.33 18.17
N LEU A 166 -8.09 -1.47 19.02
CA LEU A 166 -9.47 -1.44 18.58
C LEU A 166 -10.07 -0.09 18.87
N LEU A 167 -10.67 0.52 17.85
CA LEU A 167 -11.26 1.85 17.99
C LEU A 167 -12.71 1.79 17.56
N TYR A 168 -13.54 2.61 18.17
CA TYR A 168 -14.97 2.49 17.92
C TYR A 168 -15.66 3.83 18.03
N ASN A 169 -16.72 4.00 17.24
CA ASN A 169 -17.61 5.14 17.28
C ASN A 169 -19.03 4.63 16.97
N LYS A 170 -20.06 5.40 17.32
CA LYS A 170 -21.42 5.10 16.83
C LYS A 170 -21.41 5.00 15.29
N TYR A 171 -22.25 4.13 14.73
CA TYR A 171 -22.25 3.92 13.30
C TYR A 171 -22.77 5.16 12.63
N GLY A 172 -22.06 5.60 11.60
CA GLY A 172 -22.47 6.78 10.84
C GLY A 172 -22.03 8.11 11.41
N ASP A 173 -21.63 8.13 12.69
CA ASP A 173 -21.10 9.36 13.34
C ASP A 173 -19.86 9.87 12.62
N ASN A 174 -19.76 11.18 12.46
CA ASN A 174 -18.70 11.84 11.71
C ASN A 174 -17.72 12.63 12.57
N ASP A 175 -17.96 12.69 13.86
CA ASP A 175 -17.14 13.52 14.72
C ASP A 175 -15.84 12.78 15.08
N PHE A 176 -14.73 13.32 14.60
CA PHE A 176 -13.42 12.79 14.92
C PHE A 176 -13.25 12.67 16.42
N ASN A 177 -13.74 13.64 17.20
CA ASN A 177 -13.53 13.60 18.64
C ASN A 177 -14.31 12.48 19.35
N HIS A 178 -15.24 11.82 18.65
CA HIS A 178 -16.13 10.88 19.32
C HIS A 178 -15.58 9.47 19.32
N TRP A 179 -14.53 9.23 18.52
CA TRP A 179 -13.89 7.94 18.50
C TRP A 179 -13.28 7.69 19.84
N LYS A 180 -13.40 6.46 20.32
CA LYS A 180 -12.76 6.01 21.56
C LYS A 180 -11.89 4.78 21.29
N ASN A 181 -10.98 4.51 22.22
CA ASN A 181 -10.02 3.45 22.08
C ASN A 181 -10.35 2.31 23.05
N ALA A 182 -10.42 1.08 22.57
CA ALA A 182 -10.71 0.01 23.49
C ALA A 182 -9.46 -0.73 23.95
N GLY A 183 -8.27 -0.25 23.56
CA GLY A 183 -7.02 -0.86 24.01
C GLY A 183 -6.34 -1.76 22.97
N PRO A 184 -5.09 -2.17 23.26
CA PRO A 184 -4.35 -3.04 22.35
C PRO A 184 -5.04 -4.41 22.28
N ILE A 185 -5.17 -5.00 21.10
CA ILE A 185 -5.90 -6.27 20.96
C ILE A 185 -5.25 -7.39 21.81
N PHE A 186 -3.92 -7.47 21.79
CA PHE A 186 -3.21 -8.53 22.49
C PHE A 186 -2.62 -8.14 23.82
N GLY A 187 -3.09 -7.02 24.38
CA GLY A 187 -2.60 -6.55 25.68
C GLY A 187 -1.17 -6.04 25.67
N LEU A 188 -0.55 -6.00 26.84
CA LEU A 188 0.81 -5.46 26.98
C LEU A 188 1.84 -6.36 26.25
N GLY A 189 2.87 -5.74 25.70
CA GLY A 189 3.82 -6.46 24.87
C GLY A 189 5.20 -5.85 24.84
N THR A 190 6.03 -6.35 23.92
CA THR A 190 7.39 -5.90 23.70
C THR A 190 7.65 -5.96 22.19
N PRO A 191 8.81 -5.45 21.74
CA PRO A 191 9.12 -5.49 20.29
C PRO A 191 9.45 -6.88 19.78
N VAL A 192 9.56 -7.88 20.65
CA VAL A 192 9.87 -9.25 20.21
C VAL A 192 8.75 -9.77 19.32
N ILE A 193 7.50 -9.52 19.71
CA ILE A 193 6.31 -9.92 18.93
C ILE A 193 5.50 -8.69 18.57
N GLN A 194 5.35 -8.42 17.28
CA GLN A 194 4.63 -7.22 16.87
C GLN A 194 3.44 -7.58 16.03
N GLN A 195 2.49 -6.65 15.93
CA GLN A 195 1.34 -6.83 15.02
C GLN A 195 1.32 -5.70 13.98
N TRP A 196 1.37 -6.05 12.70
CA TRP A 196 1.24 -5.11 11.63
C TRP A 196 -0.11 -5.34 10.92
N SER A 197 -0.34 -4.65 9.81
CA SER A 197 -1.68 -4.55 9.21
C SER A 197 -2.31 -5.84 8.72
N GLY A 198 -3.64 -5.85 8.74
CA GLY A 198 -4.42 -6.86 8.09
C GLY A 198 -5.80 -6.32 7.79
N SER A 199 -6.81 -7.07 8.23
CA SER A 199 -8.20 -6.77 7.97
C SER A 199 -9.04 -7.48 9.00
N ALA A 200 -10.34 -7.24 8.94
CA ALA A 200 -11.23 -7.76 9.92
C ALA A 200 -12.63 -7.82 9.36
N THR A 201 -13.35 -8.87 9.71
CA THR A 201 -14.75 -9.02 9.33
C THR A 201 -15.49 -9.67 10.48
N LEU A 202 -16.81 -9.66 10.45
CA LEU A 202 -17.62 -10.19 11.57
C LEU A 202 -17.93 -11.66 11.41
N ASN A 203 -17.93 -12.40 12.50
CA ASN A 203 -18.47 -13.75 12.49
C ASN A 203 -19.99 -13.71 12.75
N LYS A 204 -20.65 -14.83 12.44
CA LYS A 204 -22.09 -14.95 12.63
C LYS A 204 -22.52 -14.68 14.08
N ASP A 205 -21.68 -15.06 15.04
CA ASP A 205 -22.00 -14.84 16.46
C ASP A 205 -21.55 -13.45 16.92
N GLY A 206 -21.13 -12.59 15.98
CA GLY A 206 -20.81 -11.21 16.33
C GLY A 206 -19.45 -11.03 16.99
N SER A 207 -18.64 -12.08 17.03
CA SER A 207 -17.21 -11.88 17.25
C SER A 207 -16.57 -11.31 15.97
N ILE A 208 -15.31 -10.87 16.09
CA ILE A 208 -14.57 -10.30 14.98
C ILE A 208 -13.53 -11.30 14.58
N GLN A 209 -13.50 -11.67 13.31
CA GLN A 209 -12.36 -12.43 12.81
C GLN A 209 -11.32 -11.49 12.25
N LEU A 210 -10.14 -11.51 12.88
CA LEU A 210 -9.08 -10.58 12.58
C LEU A 210 -7.99 -11.29 11.80
N TYR A 211 -7.55 -10.67 10.71
CA TYR A 211 -6.36 -11.14 9.99
C TYR A 211 -5.31 -10.07 10.16
N TYR A 212 -4.16 -10.44 10.68
CA TYR A 212 -3.13 -9.44 10.98
C TYR A 212 -1.75 -10.04 10.70
N THR A 213 -0.71 -9.23 10.78
CA THR A 213 0.62 -9.78 10.53
C THR A 213 1.34 -9.96 11.84
N LYS A 214 1.64 -11.19 12.19
CA LYS A 214 2.46 -11.43 13.36
C LYS A 214 3.91 -11.31 12.95
N VAL A 215 4.67 -10.54 13.71
CA VAL A 215 6.07 -10.31 13.39
C VAL A 215 6.94 -10.67 14.59
N ASP A 216 7.92 -11.53 14.35
CA ASP A 216 8.79 -12.03 15.38
C ASP A 216 10.14 -11.41 15.09
N THR A 217 10.72 -10.72 16.07
CA THR A 217 12.00 -10.05 15.84
C THR A 217 13.17 -10.71 16.57
N SER A 218 13.00 -11.96 17.01
CA SER A 218 14.07 -12.58 17.82
C SER A 218 15.37 -12.92 17.06
N ASP A 219 15.23 -13.44 15.85
CA ASP A 219 16.38 -13.74 14.99
C ASP A 219 17.10 -12.48 14.47
N ASN A 220 17.98 -11.96 15.30
CA ASN A 220 18.87 -10.88 14.92
C ASN A 220 18.17 -9.62 14.45
N ASN A 221 17.09 -9.28 15.14
CA ASN A 221 16.26 -8.12 14.86
C ASN A 221 15.64 -8.05 13.46
N THR A 222 15.48 -9.19 12.81
CA THR A 222 14.81 -9.22 11.51
C THR A 222 13.30 -9.21 11.73
N ASN A 223 12.57 -8.55 10.84
CA ASN A 223 11.11 -8.57 10.89
C ASN A 223 10.53 -9.82 10.22
N HIS A 224 10.57 -10.93 10.92
CA HIS A 224 10.03 -12.17 10.40
C HIS A 224 8.50 -12.15 10.46
N GLN A 225 7.88 -11.96 9.30
CA GLN A 225 6.45 -11.72 9.21
C GLN A 225 5.65 -12.94 8.83
N LYS A 226 4.51 -13.11 9.47
CA LYS A 226 3.63 -14.23 9.15
C LYS A 226 2.20 -13.73 9.11
N LEU A 227 1.38 -14.35 8.27
CA LEU A 227 -0.03 -14.02 8.25
C LEU A 227 -0.69 -14.83 9.34
N ALA A 228 -1.48 -14.16 10.19
CA ALA A 228 -2.05 -14.78 11.37
C ALA A 228 -3.51 -14.43 11.45
N SER A 229 -4.23 -15.11 12.33
CA SER A 229 -5.64 -14.83 12.56
C SER A 229 -6.00 -15.06 14.02
N ALA A 230 -7.04 -14.36 14.48
CA ALA A 230 -7.56 -14.47 15.86
C ALA A 230 -9.01 -14.03 15.93
N THR A 231 -9.75 -14.58 16.89
CA THR A 231 -11.15 -14.20 17.07
C THR A 231 -11.19 -13.25 18.26
N VAL A 232 -11.78 -12.07 18.08
CA VAL A 232 -11.83 -11.08 19.13
C VAL A 232 -13.28 -10.95 19.57
N TYR A 233 -13.49 -11.05 20.87
CA TYR A 233 -14.82 -10.96 21.43
C TYR A 233 -14.90 -9.70 22.23
N LEU A 234 -16.01 -8.99 22.11
CA LEU A 234 -16.14 -7.70 22.76
C LEU A 234 -17.20 -7.66 23.84
N ASN A 235 -16.92 -6.92 24.91
CA ASN A 235 -17.91 -6.61 25.91
C ASN A 235 -18.41 -5.19 25.63
N LEU A 236 -19.71 -5.02 25.48
CA LEU A 236 -20.32 -3.70 25.34
C LEU A 236 -21.10 -3.32 26.58
N GLU A 237 -20.91 -2.10 27.06
CA GLU A 237 -21.74 -1.55 28.12
C GLU A 237 -22.54 -0.40 27.52
N LYS A 238 -23.83 -0.67 27.23
CA LYS A 238 -24.70 0.25 26.50
C LYS A 238 -24.82 1.60 27.15
N ASP A 239 -24.90 1.60 28.47
CA ASP A 239 -25.19 2.84 29.20
C ASP A 239 -23.97 3.79 29.32
N GLN A 240 -22.77 3.25 29.14
CA GLN A 240 -21.56 4.06 29.11
C GLN A 240 -20.97 4.21 27.71
N ASP A 241 -21.67 3.64 26.72
CA ASP A 241 -21.22 3.63 25.33
C ASP A 241 -19.75 3.20 25.26
N LYS A 242 -19.47 2.05 25.84
CA LYS A 242 -18.10 1.61 26.01
C LYS A 242 -17.91 0.16 25.58
N ILE A 243 -16.94 -0.06 24.70
CA ILE A 243 -16.58 -1.37 24.23
C ILE A 243 -15.23 -1.71 24.83
N SER A 244 -15.09 -2.96 25.28
CA SER A 244 -13.82 -3.51 25.77
C SER A 244 -13.55 -4.81 25.07
N ILE A 245 -12.28 -5.20 25.06
CA ILE A 245 -11.91 -6.51 24.56
C ILE A 245 -12.20 -7.50 25.66
N ALA A 246 -13.04 -8.49 25.37
CA ALA A 246 -13.36 -9.55 26.30
C ALA A 246 -12.39 -10.76 26.20
N HIS A 247 -12.42 -11.49 25.09
CA HIS A 247 -11.52 -12.64 24.86
C HIS A 247 -10.84 -12.47 23.52
N VAL A 248 -9.66 -13.03 23.40
CA VAL A 248 -8.99 -13.16 22.13
C VAL A 248 -8.64 -14.62 22.02
N ASP A 249 -9.21 -15.31 21.04
CA ASP A 249 -9.06 -16.78 20.91
C ASP A 249 -8.54 -17.16 19.55
N ASN A 250 -8.04 -18.37 19.46
CA ASN A 250 -7.64 -18.97 18.18
C ASN A 250 -6.50 -18.24 17.49
N ASP A 251 -5.61 -17.64 18.27
CA ASP A 251 -4.50 -16.91 17.65
C ASP A 251 -3.53 -17.93 17.08
N HIS A 252 -3.25 -17.84 15.80
CA HIS A 252 -2.35 -18.80 15.18
C HIS A 252 -1.86 -18.26 13.86
N ILE A 253 -0.75 -18.81 13.39
CA ILE A 253 -0.23 -18.56 12.07
C ILE A 253 -1.05 -19.29 10.99
N VAL A 254 -1.48 -18.53 9.99
CA VAL A 254 -2.21 -19.04 8.84
C VAL A 254 -1.27 -19.34 7.68
N PHE A 255 -0.35 -18.43 7.36
CA PHE A 255 0.50 -18.57 6.17
C PHE A 255 1.86 -17.89 6.29
N GLU A 256 2.89 -18.58 5.84
CA GLU A 256 4.27 -18.05 5.87
C GLU A 256 4.97 -17.99 4.51
N GLY A 257 4.26 -18.25 3.42
CA GLY A 257 4.95 -18.43 2.14
C GLY A 257 5.14 -19.91 1.83
N ASP A 258 5.11 -20.26 0.54
CA ASP A 258 5.20 -21.64 0.07
C ASP A 258 6.59 -21.93 -0.48
N GLY A 259 7.26 -20.92 -1.04
CA GLY A 259 8.64 -21.09 -1.53
C GLY A 259 8.69 -21.06 -3.05
N TYR A 260 7.57 -21.41 -3.66
CA TYR A 260 7.44 -21.40 -5.10
C TYR A 260 6.74 -20.11 -5.58
N HIS A 261 5.46 -19.95 -5.26
CA HIS A 261 4.76 -18.68 -5.53
C HIS A 261 5.34 -17.55 -4.67
N TYR A 262 5.49 -17.77 -3.36
CA TYR A 262 5.95 -16.72 -2.44
C TYR A 262 7.19 -17.10 -1.66
N GLN A 263 8.14 -16.16 -1.59
CA GLN A 263 9.38 -16.32 -0.85
C GLN A 263 9.10 -16.56 0.64
N THR A 264 9.85 -17.47 1.25
CA THR A 264 9.74 -17.76 2.68
C THR A 264 10.87 -17.05 3.39
N TYR A 265 10.78 -17.01 4.73
CA TYR A 265 11.81 -16.39 5.54
C TYR A 265 13.15 -17.10 5.39
N ASP A 266 13.12 -18.42 5.24
CA ASP A 266 14.35 -19.21 5.07
C ASP A 266 15.08 -18.84 3.79
N GLN A 267 14.33 -18.74 2.70
CA GLN A 267 14.90 -18.34 1.40
C GLN A 267 15.50 -16.95 1.51
N TRP A 268 14.80 -16.05 2.19
CA TRP A 268 15.31 -14.70 2.43
C TRP A 268 16.61 -14.71 3.21
N LYS A 269 16.70 -15.55 4.24
CA LYS A 269 17.90 -15.68 5.09
C LYS A 269 19.12 -16.04 4.26
N GLU A 270 18.96 -17.05 3.40
CA GLU A 270 20.01 -17.52 2.49
C GLU A 270 20.47 -16.41 1.55
N THR A 271 19.62 -16.02 0.61
CA THR A 271 20.00 -15.09 -0.44
C THR A 271 20.33 -13.68 0.07
N ASN A 272 19.33 -12.97 0.62
CA ASN A 272 19.55 -11.61 1.16
C ASN A 272 21.01 -11.31 1.50
N LYS A 273 21.63 -10.48 0.68
CA LYS A 273 23.00 -10.05 0.92
C LYS A 273 22.94 -8.67 1.64
N GLY A 274 22.00 -8.56 2.60
CA GLY A 274 21.76 -7.29 3.31
C GLY A 274 20.75 -6.36 2.63
N ALA A 275 20.81 -6.29 1.30
CA ALA A 275 19.98 -5.35 0.51
C ALA A 275 18.68 -5.99 -0.01
N ASP A 276 17.88 -6.54 0.91
CA ASP A 276 16.68 -7.25 0.50
C ASP A 276 15.50 -7.05 1.43
N ASN A 277 14.34 -6.82 0.82
CA ASN A 277 13.10 -6.63 1.54
C ASN A 277 12.52 -8.00 1.84
N ILE A 278 11.85 -8.10 2.98
CA ILE A 278 11.17 -9.30 3.39
C ILE A 278 9.71 -8.91 3.63
N ALA A 279 8.78 -9.71 3.11
CA ALA A 279 7.37 -9.33 3.12
C ALA A 279 6.45 -10.53 3.19
N MET A 280 5.63 -10.57 4.21
CA MET A 280 4.56 -11.53 4.29
C MET A 280 3.52 -10.87 5.17
N ARG A 281 2.79 -9.91 4.62
CA ARG A 281 1.99 -9.02 5.45
C ARG A 281 0.80 -8.42 4.77
N ASP A 282 0.05 -7.60 5.51
CA ASP A 282 -1.05 -6.82 4.98
C ASP A 282 -2.16 -7.68 4.35
N ALA A 283 -2.68 -8.66 5.08
CA ALA A 283 -3.70 -9.57 4.55
C ALA A 283 -5.08 -8.92 4.48
N HIS A 284 -5.68 -8.93 3.31
CA HIS A 284 -7.01 -8.39 3.11
C HIS A 284 -7.96 -9.55 2.84
N VAL A 285 -8.96 -9.68 3.67
CA VAL A 285 -9.91 -10.75 3.57
C VAL A 285 -10.97 -10.39 2.53
N ILE A 286 -11.27 -11.35 1.66
CA ILE A 286 -12.38 -11.20 0.75
C ILE A 286 -13.10 -12.54 0.48
N ASP A 287 -14.42 -12.49 0.33
CA ASP A 287 -15.22 -13.64 -0.03
C ASP A 287 -15.77 -13.51 -1.44
N ASP A 288 -15.89 -14.62 -2.15
CA ASP A 288 -16.62 -14.63 -3.43
C ASP A 288 -18.11 -14.87 -3.19
N ASP A 289 -18.87 -15.04 -4.27
CA ASP A 289 -20.32 -15.21 -4.11
C ASP A 289 -20.71 -16.57 -3.56
N ASN A 290 -19.80 -17.52 -3.65
CA ASN A 290 -20.00 -18.87 -3.11
C ASN A 290 -19.55 -19.03 -1.65
N GLY A 291 -19.18 -17.93 -1.01
CA GLY A 291 -18.75 -18.00 0.39
C GLY A 291 -17.35 -18.54 0.64
N ASN A 292 -16.51 -18.60 -0.39
CA ASN A 292 -15.10 -18.91 -0.19
C ASN A 292 -14.36 -17.69 0.26
N ARG A 293 -13.41 -17.88 1.14
CA ARG A 293 -12.65 -16.81 1.71
C ARG A 293 -11.22 -16.86 1.20
N TYR A 294 -10.69 -15.69 0.86
CA TYR A 294 -9.30 -15.53 0.41
C TYR A 294 -8.63 -14.42 1.19
N LEU A 295 -7.32 -14.51 1.33
CA LEU A 295 -6.53 -13.40 1.82
C LEU A 295 -5.68 -12.89 0.68
N VAL A 296 -5.74 -11.60 0.43
CA VAL A 296 -4.86 -10.99 -0.54
C VAL A 296 -3.83 -10.22 0.30
N PHE A 297 -2.55 -10.37 -0.02
CA PHE A 297 -1.48 -9.90 0.89
C PHE A 297 -0.22 -9.44 0.13
N GLU A 298 0.69 -8.79 0.83
CA GLU A 298 1.96 -8.36 0.25
C GLU A 298 3.05 -9.42 0.51
N ALA A 299 3.83 -9.73 -0.51
CA ALA A 299 4.87 -10.75 -0.41
C ALA A 299 5.99 -10.49 -1.43
N SER A 300 6.89 -11.47 -1.54
CA SER A 300 7.86 -11.51 -2.61
C SER A 300 7.65 -12.80 -3.39
N THR A 301 7.95 -12.77 -4.69
CA THR A 301 7.81 -13.96 -5.53
C THR A 301 8.80 -15.01 -5.04
N GLY A 302 8.36 -16.26 -5.05
CA GLY A 302 9.28 -17.38 -4.81
C GLY A 302 10.00 -17.84 -6.06
N THR A 303 10.31 -19.14 -6.13
CA THR A 303 11.13 -19.73 -7.22
C THR A 303 10.38 -19.78 -8.54
N GLU A 304 9.07 -19.55 -8.51
CA GLU A 304 8.27 -19.38 -9.73
C GLU A 304 8.81 -18.27 -10.66
N ASN A 305 9.21 -17.14 -10.08
CA ASN A 305 9.88 -16.05 -10.80
C ASN A 305 10.84 -15.27 -9.90
N TYR A 306 11.92 -15.91 -9.47
CA TYR A 306 12.77 -15.36 -8.40
C TYR A 306 13.64 -14.18 -8.81
N GLN A 307 14.09 -13.45 -7.79
CA GLN A 307 15.03 -12.34 -7.96
C GLN A 307 16.38 -12.87 -8.40
N GLY A 308 17.23 -11.96 -8.90
CA GLY A 308 18.56 -12.33 -9.30
C GLY A 308 19.06 -11.50 -10.45
N ASP A 309 20.33 -11.72 -10.82
CA ASP A 309 20.91 -11.04 -11.96
C ASP A 309 20.15 -11.35 -13.25
N ASP A 310 19.50 -12.52 -13.32
CA ASP A 310 18.74 -12.90 -14.51
C ASP A 310 17.55 -11.99 -14.87
N GLN A 311 16.96 -11.33 -13.87
CA GLN A 311 15.76 -10.54 -14.07
C GLN A 311 15.97 -9.32 -14.97
N ILE A 312 17.22 -8.90 -15.08
CA ILE A 312 17.59 -7.76 -15.92
C ILE A 312 17.46 -8.13 -17.42
N TYR A 313 17.64 -9.40 -17.72
CA TYR A 313 17.64 -9.88 -19.10
C TYR A 313 16.29 -10.44 -19.49
N GLN A 314 15.27 -10.30 -18.64
CA GLN A 314 13.92 -10.71 -19.05
C GLN A 314 13.18 -9.56 -19.70
N TRP A 315 13.10 -9.62 -21.01
CA TRP A 315 12.49 -8.58 -21.83
C TRP A 315 11.08 -8.25 -21.34
N LEU A 316 10.36 -9.26 -20.88
CA LEU A 316 9.03 -9.11 -20.28
C LEU A 316 8.91 -7.99 -19.25
N ASN A 317 9.99 -7.73 -18.53
CA ASN A 317 9.95 -6.82 -17.39
C ASN A 317 9.94 -5.35 -17.79
N TYR A 318 10.26 -5.10 -19.05
CA TYR A 318 10.42 -3.71 -19.49
C TYR A 318 9.08 -3.07 -19.86
N GLY A 319 8.29 -3.74 -20.69
CA GLY A 319 6.90 -3.34 -20.95
C GLY A 319 6.69 -2.02 -21.69
N GLY A 320 7.73 -1.55 -22.37
CA GLY A 320 7.58 -0.43 -23.32
C GLY A 320 7.65 -0.89 -24.78
N THR A 321 7.88 0.05 -25.69
CA THR A 321 8.24 -0.27 -27.08
C THR A 321 9.62 -0.89 -27.01
N ASN A 322 9.93 -1.75 -27.99
CA ASN A 322 11.25 -2.33 -28.12
C ASN A 322 12.36 -1.29 -28.05
N LYS A 323 12.16 -0.14 -28.67
CA LYS A 323 13.15 0.94 -28.64
C LYS A 323 13.38 1.43 -27.21
N ASP A 324 12.31 1.92 -26.56
CA ASP A 324 12.24 2.22 -25.12
C ASP A 324 12.99 1.18 -24.26
N ASN A 325 12.59 -0.08 -24.45
CA ASN A 325 13.08 -1.19 -23.65
C ASN A 325 14.59 -1.30 -23.76
N LEU A 326 15.12 -1.00 -24.94
CA LEU A 326 16.54 -1.06 -25.19
C LEU A 326 17.28 0.07 -24.50
N GLY A 327 16.71 1.28 -24.52
CA GLY A 327 17.24 2.39 -23.72
C GLY A 327 17.32 2.04 -22.23
N ASP A 328 16.19 1.53 -21.71
CA ASP A 328 16.09 1.06 -20.33
C ASP A 328 17.18 0.05 -20.06
N PHE A 329 17.27 -0.96 -20.93
CA PHE A 329 18.25 -2.03 -20.71
C PHE A 329 19.65 -1.45 -20.46
N PHE A 330 19.99 -0.41 -21.19
CA PHE A 330 21.31 0.19 -21.06
C PHE A 330 21.43 1.02 -19.80
N GLN A 331 20.38 1.76 -19.46
CA GLN A 331 20.38 2.52 -18.24
C GLN A 331 20.71 1.64 -17.03
N ILE A 332 19.99 0.52 -16.90
CA ILE A 332 20.18 -0.40 -15.77
C ILE A 332 21.63 -0.91 -15.75
N LEU A 333 22.10 -1.37 -16.91
CA LEU A 333 23.43 -1.92 -17.00
C LEU A 333 24.59 -0.98 -16.62
N SER A 334 24.43 0.32 -16.86
CA SER A 334 25.51 1.29 -16.63
C SER A 334 25.45 2.02 -15.27
N ASN A 335 24.28 2.00 -14.64
CA ASN A 335 24.09 2.60 -13.30
C ASN A 335 24.08 1.50 -12.24
N SER A 336 25.19 1.38 -11.51
CA SER A 336 25.38 0.25 -10.57
C SER A 336 24.35 0.16 -9.45
N ASP A 337 23.84 1.30 -8.98
CA ASP A 337 22.77 1.24 -7.99
C ASP A 337 21.44 0.72 -8.55
N ILE A 338 21.04 1.24 -9.71
CA ILE A 338 19.86 0.70 -10.41
C ILE A 338 20.03 -0.82 -10.65
N LYS A 339 21.16 -1.20 -11.26
CA LYS A 339 21.45 -2.60 -11.50
C LYS A 339 21.30 -3.43 -10.23
N ASP A 340 21.78 -2.90 -9.11
CA ASP A 340 21.70 -3.56 -7.80
C ASP A 340 20.28 -3.75 -7.36
N ARG A 341 19.49 -2.68 -7.39
CA ARG A 341 18.09 -2.76 -6.98
C ARG A 341 17.28 -3.70 -7.86
N ALA A 342 17.55 -3.65 -9.17
CA ALA A 342 16.92 -4.52 -10.16
C ALA A 342 17.10 -5.99 -9.84
N LYS A 343 18.29 -6.35 -9.37
CA LYS A 343 18.58 -7.71 -8.98
C LYS A 343 17.71 -8.17 -7.82
N TRP A 344 17.34 -7.23 -6.95
CA TRP A 344 16.65 -7.54 -5.69
C TRP A 344 15.14 -7.33 -5.70
N SER A 345 14.61 -6.62 -6.69
CA SER A 345 13.18 -6.30 -6.75
C SER A 345 12.37 -7.50 -7.14
N ASN A 346 11.49 -7.93 -6.24
CA ASN A 346 10.48 -8.92 -6.61
C ASN A 346 9.23 -8.84 -5.74
N ALA A 347 8.72 -7.62 -5.61
CA ALA A 347 7.46 -7.44 -4.90
C ALA A 347 6.34 -8.19 -5.61
N ALA A 348 5.34 -8.60 -4.85
CA ALA A 348 4.24 -9.38 -5.36
C ALA A 348 3.00 -9.10 -4.52
N ILE A 349 1.83 -9.09 -5.13
CA ILE A 349 0.61 -9.16 -4.35
C ILE A 349 0.04 -10.54 -4.52
N GLY A 350 0.07 -11.31 -3.43
CA GLY A 350 -0.36 -12.69 -3.46
C GLY A 350 -1.80 -12.91 -3.03
N ILE A 351 -2.30 -14.13 -3.27
CA ILE A 351 -3.63 -14.55 -2.84
C ILE A 351 -3.60 -16.04 -2.50
N ILE A 352 -4.40 -16.40 -1.51
CA ILE A 352 -4.52 -17.75 -1.03
C ILE A 352 -5.96 -17.95 -0.70
N LYS A 353 -6.45 -19.17 -0.86
CA LYS A 353 -7.82 -19.50 -0.46
C LYS A 353 -7.73 -20.12 0.89
N LEU A 354 -8.62 -19.72 1.80
CA LEU A 354 -8.71 -20.35 3.12
C LEU A 354 -9.70 -21.51 3.10
N ASN A 355 -9.56 -22.45 4.03
CA ASN A 355 -10.57 -23.50 4.18
C ASN A 355 -11.85 -22.94 4.81
N ASP A 356 -12.77 -23.81 5.23
CA ASP A 356 -14.09 -23.39 5.73
C ASP A 356 -14.20 -23.23 7.25
N ASP A 357 -13.09 -23.45 7.94
CA ASP A 357 -13.01 -23.24 9.38
C ASP A 357 -12.85 -21.75 9.69
N VAL A 358 -13.99 -21.05 9.72
CA VAL A 358 -14.02 -19.60 9.82
C VAL A 358 -13.15 -19.06 10.94
N LYS A 359 -13.32 -19.59 12.15
CA LYS A 359 -12.62 -19.09 13.31
C LYS A 359 -11.23 -19.67 13.54
N ASN A 360 -10.89 -20.74 12.84
CA ASN A 360 -9.54 -21.31 12.96
C ASN A 360 -8.96 -21.74 11.60
N PRO A 361 -8.81 -20.78 10.67
CA PRO A 361 -8.54 -21.10 9.26
C PRO A 361 -7.19 -21.71 8.97
N SER A 362 -7.17 -22.50 7.90
CA SER A 362 -5.97 -23.01 7.25
C SER A 362 -6.02 -22.71 5.74
N VAL A 363 -4.86 -22.75 5.11
CA VAL A 363 -4.75 -22.51 3.70
C VAL A 363 -5.25 -23.68 2.88
N ALA A 364 -6.29 -23.46 2.10
CA ALA A 364 -6.80 -24.46 1.18
C ALA A 364 -6.04 -24.49 -0.15
N LYS A 365 -5.53 -23.33 -0.62
CA LYS A 365 -4.94 -23.20 -1.97
C LYS A 365 -4.06 -21.97 -2.07
N VAL A 366 -2.88 -22.15 -2.68
CA VAL A 366 -1.96 -21.05 -2.94
C VAL A 366 -1.92 -20.76 -4.46
N TYR A 367 -2.28 -19.54 -4.84
CA TYR A 367 -2.22 -19.15 -6.25
C TYR A 367 -0.96 -18.39 -6.59
N SER A 368 -0.74 -18.18 -7.88
CA SER A 368 0.32 -17.29 -8.37
C SER A 368 -0.05 -15.88 -8.00
N PRO A 369 0.93 -14.96 -7.92
CA PRO A 369 0.66 -13.56 -7.63
C PRO A 369 -0.42 -12.96 -8.54
N LEU A 370 -1.27 -12.11 -7.98
CA LEU A 370 -2.14 -11.26 -8.77
C LEU A 370 -1.29 -10.22 -9.54
N ILE A 371 -0.27 -9.67 -8.88
CA ILE A 371 0.59 -8.62 -9.43
C ILE A 371 1.99 -8.90 -8.96
N SER A 372 3.00 -8.71 -9.79
CA SER A 372 4.36 -8.78 -9.29
C SER A 372 5.20 -7.72 -9.98
N ALA A 373 6.36 -7.39 -9.42
CA ALA A 373 7.17 -6.32 -9.97
C ALA A 373 8.63 -6.71 -10.07
N PRO A 374 8.90 -7.93 -10.56
CA PRO A 374 10.29 -8.32 -10.70
C PRO A 374 11.05 -7.28 -11.49
N MET A 375 12.25 -6.99 -11.02
CA MET A 375 13.17 -6.02 -11.62
C MET A 375 12.76 -4.56 -11.36
N VAL A 376 11.52 -4.34 -10.91
CA VAL A 376 10.97 -2.99 -10.83
C VAL A 376 10.86 -2.38 -9.41
N SER A 377 10.26 -3.12 -8.49
CA SER A 377 10.04 -2.64 -7.13
C SER A 377 10.17 -3.76 -6.15
N ASP A 378 10.63 -3.44 -4.94
CA ASP A 378 10.65 -4.41 -3.87
C ASP A 378 9.60 -4.11 -2.82
N GLU A 379 8.64 -3.23 -3.11
CA GLU A 379 7.60 -2.93 -2.14
C GLU A 379 6.28 -2.39 -2.68
N ILE A 380 5.28 -3.27 -2.70
CA ILE A 380 3.90 -2.90 -2.96
C ILE A 380 3.08 -3.37 -1.73
N GLU A 381 2.32 -2.44 -1.14
CA GLU A 381 1.77 -2.63 0.19
C GLU A 381 0.26 -2.49 0.30
N ARG A 382 -0.27 -2.93 1.42
CA ARG A 382 -1.67 -2.74 1.73
C ARG A 382 -2.62 -2.99 0.60
N PRO A 383 -2.61 -4.20 0.02
CA PRO A 383 -3.49 -4.46 -1.08
C PRO A 383 -4.94 -4.48 -0.59
N ASP A 384 -5.87 -4.20 -1.49
CA ASP A 384 -7.26 -3.99 -1.13
C ASP A 384 -8.11 -4.39 -2.33
N VAL A 385 -8.99 -5.37 -2.12
CA VAL A 385 -9.86 -5.83 -3.17
C VAL A 385 -11.28 -5.45 -2.81
N VAL A 386 -11.88 -4.70 -3.69
CA VAL A 386 -13.27 -4.30 -3.53
CA VAL A 386 -13.27 -4.35 -3.53
C VAL A 386 -14.02 -4.79 -4.78
N LYS A 387 -15.20 -5.35 -4.59
CA LYS A 387 -15.98 -5.85 -5.72
C LYS A 387 -17.01 -4.80 -6.07
N LEU A 388 -16.88 -4.22 -7.26
CA LEU A 388 -17.82 -3.20 -7.69
C LEU A 388 -18.66 -3.75 -8.82
N GLY A 389 -19.95 -3.91 -8.53
CA GLY A 389 -20.87 -4.55 -9.44
C GLY A 389 -20.38 -5.95 -9.72
N ASN A 390 -19.77 -6.11 -10.89
CA ASN A 390 -19.32 -7.42 -11.34
C ASN A 390 -17.81 -7.64 -11.41
N LYS A 391 -17.04 -6.54 -11.36
CA LYS A 391 -15.59 -6.63 -11.49
C LYS A 391 -14.91 -6.55 -10.12
N TYR A 392 -13.70 -7.10 -10.06
CA TYR A 392 -12.87 -7.04 -8.86
C TYR A 392 -11.84 -5.96 -9.07
N TYR A 393 -11.81 -4.99 -8.17
CA TYR A 393 -10.78 -3.95 -8.19
C TYR A 393 -9.77 -4.18 -7.08
N LEU A 394 -8.49 -4.12 -7.45
CA LEU A 394 -7.38 -4.31 -6.55
C LEU A 394 -6.53 -3.06 -6.53
N PHE A 395 -6.36 -2.50 -5.35
CA PHE A 395 -5.53 -1.32 -5.14
C PHE A 395 -4.36 -1.64 -4.22
N ALA A 396 -3.28 -0.89 -4.33
CA ALA A 396 -2.18 -1.06 -3.39
C ALA A 396 -1.44 0.24 -3.26
N ALA A 397 -0.78 0.43 -2.13
CA ALA A 397 -0.01 1.62 -1.86
C ALA A 397 1.43 1.31 -2.19
N THR A 398 2.15 2.28 -2.74
CA THR A 398 3.56 2.08 -2.98
C THR A 398 4.37 3.36 -2.74
N ARG A 399 5.63 3.16 -2.39
CA ARG A 399 6.58 4.23 -2.29
C ARG A 399 7.56 4.06 -3.45
N LEU A 400 7.56 5.02 -4.37
CA LEU A 400 8.38 4.90 -5.59
C LEU A 400 9.87 4.78 -5.29
N ASN A 401 10.32 5.31 -4.16
CA ASN A 401 11.74 5.12 -3.81
C ASN A 401 12.19 3.73 -3.45
N ARG A 402 11.25 2.80 -3.34
CA ARG A 402 11.58 1.37 -3.20
C ARG A 402 11.73 0.74 -4.58
N GLY A 403 11.50 1.56 -5.60
CA GLY A 403 11.62 1.14 -6.98
C GLY A 403 13.08 1.09 -7.36
N SER A 404 13.38 0.39 -8.46
CA SER A 404 14.77 0.24 -8.94
C SER A 404 15.29 1.44 -9.74
N ASN A 405 14.40 2.12 -10.45
CA ASN A 405 14.76 3.27 -11.27
C ASN A 405 14.97 4.58 -10.48
N ASP A 406 16.18 4.74 -9.96
CA ASP A 406 16.53 5.93 -9.22
C ASP A 406 16.21 7.22 -9.97
N ASP A 407 16.47 7.26 -11.26
CA ASP A 407 16.26 8.50 -11.99
C ASP A 407 14.79 8.84 -12.00
N ALA A 408 13.94 7.83 -12.14
CA ALA A 408 12.50 8.05 -12.05
C ALA A 408 12.06 8.59 -10.66
N TRP A 409 12.44 7.91 -9.57
CA TRP A 409 11.91 8.32 -8.28
C TRP A 409 12.63 9.53 -7.67
N MET A 410 13.91 9.72 -7.98
CA MET A 410 14.61 10.91 -7.49
C MET A 410 13.99 12.15 -8.09
N ALA A 411 13.47 12.02 -9.32
CA ALA A 411 12.78 13.12 -9.96
C ALA A 411 11.45 13.47 -9.31
N THR A 412 10.81 12.53 -8.62
CA THR A 412 9.52 12.84 -7.98
C THR A 412 9.75 13.59 -6.66
N ASN A 413 10.81 13.21 -5.96
CA ASN A 413 11.23 13.95 -4.79
C ASN A 413 11.59 15.37 -5.15
N LYS A 414 12.24 15.55 -6.31
CA LYS A 414 12.58 16.87 -6.79
C LYS A 414 11.32 17.67 -7.13
N ALA A 415 10.31 17.02 -7.69
CA ALA A 415 9.08 17.75 -8.09
C ALA A 415 8.18 18.12 -6.92
N VAL A 416 7.90 17.17 -6.04
CA VAL A 416 6.80 17.28 -5.07
C VAL A 416 7.30 17.04 -3.65
N GLY A 417 8.51 16.54 -3.52
CA GLY A 417 9.07 16.24 -2.22
C GLY A 417 8.48 14.99 -1.60
N ASP A 418 7.80 14.19 -2.42
CA ASP A 418 7.39 12.85 -2.02
C ASP A 418 7.26 11.91 -3.23
N ASN A 419 7.28 10.61 -2.94
CA ASN A 419 7.30 9.61 -3.97
C ASN A 419 6.22 8.54 -3.76
N VAL A 420 5.11 8.87 -3.09
CA VAL A 420 4.08 7.87 -2.82
C VAL A 420 2.98 7.85 -3.87
N ALA A 421 2.32 6.72 -4.00
CA ALA A 421 1.25 6.57 -4.97
C ALA A 421 0.34 5.44 -4.56
N MET A 422 -0.86 5.40 -5.15
CA MET A 422 -1.68 4.22 -5.10
C MET A 422 -1.85 3.71 -6.52
N ILE A 423 -1.60 2.42 -6.72
CA ILE A 423 -1.78 1.76 -8.01
C ILE A 423 -3.04 0.93 -7.97
N GLY A 424 -3.54 0.53 -9.14
CA GLY A 424 -4.84 -0.14 -9.22
C GLY A 424 -5.04 -1.00 -10.45
N TYR A 425 -5.82 -2.07 -10.31
CA TYR A 425 -6.05 -3.04 -11.38
C TYR A 425 -7.47 -3.51 -11.29
N VAL A 426 -8.00 -4.00 -12.42
CA VAL A 426 -9.35 -4.54 -12.45
C VAL A 426 -9.34 -5.93 -13.10
N SER A 427 -10.30 -6.77 -12.73
CA SER A 427 -10.40 -8.09 -13.32
C SER A 427 -11.80 -8.62 -13.22
N ASP A 428 -12.18 -9.49 -14.16
CA ASP A 428 -13.46 -10.22 -14.08
C ASP A 428 -13.40 -11.33 -13.04
N ASN A 429 -12.20 -11.74 -12.67
CA ASN A 429 -11.98 -12.83 -11.75
C ASN A 429 -11.20 -12.39 -10.54
N LEU A 430 -11.56 -12.92 -9.38
CA LEU A 430 -10.80 -12.70 -8.16
C LEU A 430 -9.34 -13.12 -8.20
N THR A 431 -9.05 -14.24 -8.84
CA THR A 431 -7.79 -14.94 -8.59
C THR A 431 -6.77 -14.80 -9.69
N HIS A 432 -7.16 -14.15 -10.80
CA HIS A 432 -6.23 -13.93 -11.92
C HIS A 432 -6.81 -12.89 -12.88
N GLY A 433 -5.97 -12.47 -13.83
CA GLY A 433 -6.42 -11.67 -14.97
C GLY A 433 -6.59 -10.18 -14.71
N TYR A 434 -5.78 -9.62 -13.80
CA TYR A 434 -5.87 -8.21 -13.46
C TYR A 434 -5.24 -7.35 -14.56
N VAL A 435 -5.90 -6.22 -14.83
CA VAL A 435 -5.53 -5.31 -15.91
C VAL A 435 -5.31 -3.95 -15.28
N PRO A 436 -4.20 -3.26 -15.63
CA PRO A 436 -3.89 -1.98 -14.98
C PRO A 436 -4.92 -0.95 -15.30
N LEU A 437 -5.24 -0.11 -14.30
CA LEU A 437 -6.09 1.05 -14.53
C LEU A 437 -5.28 2.23 -15.06
N ASN A 438 -5.95 3.13 -15.77
CA ASN A 438 -5.34 4.33 -16.35
C ASN A 438 -4.03 4.03 -17.07
N GLU A 439 -4.05 3.00 -17.92
CA GLU A 439 -2.87 2.53 -18.70
C GLU A 439 -1.75 1.86 -17.90
N SER A 440 -1.17 2.59 -16.93
CA SER A 440 0.06 2.15 -16.27
C SER A 440 -0.18 1.54 -14.89
N GLY A 441 -1.37 1.76 -14.33
CA GLY A 441 -1.61 1.40 -12.94
C GLY A 441 -1.85 2.56 -11.99
N VAL A 442 -1.21 3.70 -12.22
CA VAL A 442 -1.44 4.85 -11.38
C VAL A 442 -2.92 5.04 -11.08
N VAL A 443 -3.28 5.26 -9.81
CA VAL A 443 -4.62 5.73 -9.49
C VAL A 443 -4.51 7.03 -8.70
N LEU A 444 -3.53 7.09 -7.79
CA LEU A 444 -3.34 8.27 -6.94
C LEU A 444 -1.88 8.63 -6.89
N THR A 445 -1.59 9.94 -6.81
CA THR A 445 -0.21 10.40 -6.73
C THR A 445 0.02 11.49 -5.67
N ALA A 446 1.20 11.45 -5.07
CA ALA A 446 1.59 12.36 -4.01
C ALA A 446 1.52 13.78 -4.52
N SER A 447 1.02 14.68 -3.69
CA SER A 447 0.81 16.07 -4.08
C SER A 447 1.48 17.10 -3.15
N VAL A 448 1.99 16.67 -2.00
CA VAL A 448 2.75 17.58 -1.12
C VAL A 448 3.93 16.85 -0.50
N PRO A 449 4.98 17.59 -0.08
CA PRO A 449 6.18 17.01 0.49
C PRO A 449 5.92 16.15 1.71
N ALA A 450 6.77 15.14 1.89
CA ALA A 450 6.64 14.10 2.90
C ALA A 450 6.73 14.57 4.35
N ASN A 451 7.40 15.71 4.57
CA ASN A 451 7.47 16.28 5.93
C ASN A 451 6.49 17.40 6.21
N TRP A 452 5.47 17.57 5.38
CA TRP A 452 4.38 18.46 5.71
C TRP A 452 3.32 17.73 6.54
N ARG A 453 2.63 18.48 7.39
CA ARG A 453 1.48 17.98 8.12
C ARG A 453 0.54 17.20 7.25
N THR A 454 0.31 17.65 6.02
CA THR A 454 -0.73 17.07 5.16
C THR A 454 -0.21 15.98 4.20
N ALA A 455 1.04 15.56 4.32
CA ALA A 455 1.52 14.36 3.63
C ALA A 455 0.63 13.17 4.01
N THR A 456 0.33 12.31 3.04
CA THR A 456 -0.50 11.12 3.33
C THR A 456 0.17 9.82 2.89
N TYR A 457 -0.26 8.71 3.47
CA TYR A 457 0.12 7.40 2.98
C TYR A 457 -0.90 6.36 3.39
N SER A 458 -0.69 5.14 2.90
CA SER A 458 -1.45 3.97 3.29
C SER A 458 -2.92 4.07 2.90
N TYR A 459 -3.14 4.54 1.68
CA TYR A 459 -4.49 4.64 1.07
C TYR A 459 -5.24 3.34 1.20
N TYR A 460 -6.51 3.42 1.58
CA TYR A 460 -7.29 2.23 1.66
C TYR A 460 -8.68 2.58 1.16
N ALA A 461 -9.07 1.99 0.06
CA ALA A 461 -10.36 2.26 -0.54
C ALA A 461 -11.46 1.52 0.20
N VAL A 462 -12.55 2.21 0.50
CA VAL A 462 -13.70 1.61 1.18
C VAL A 462 -14.92 1.88 0.28
N PRO A 463 -15.73 0.85 0.01
CA PRO A 463 -16.93 1.05 -0.85
C PRO A 463 -18.00 1.91 -0.18
N VAL A 464 -18.87 2.48 -0.99
CA VAL A 464 -19.91 3.39 -0.50
C VAL A 464 -21.26 2.76 -0.81
N GLU A 465 -22.11 2.63 0.20
CA GLU A 465 -23.41 1.97 0.05
C GLU A 465 -24.30 2.75 -0.90
N GLY A 466 -24.84 2.05 -1.88
CA GLY A 466 -25.68 2.69 -2.90
C GLY A 466 -24.96 3.73 -3.74
N ARG A 467 -23.67 3.50 -4.00
CA ARG A 467 -22.93 4.22 -5.04
C ARG A 467 -21.92 3.22 -5.54
N ASP A 468 -22.33 2.37 -6.47
CA ASP A 468 -21.50 1.26 -6.91
C ASP A 468 -20.39 1.64 -7.89
N ASP A 469 -20.17 2.93 -8.10
CA ASP A 469 -19.14 3.36 -9.02
C ASP A 469 -18.13 4.30 -8.35
N GLN A 470 -18.23 4.40 -7.03
CA GLN A 470 -17.33 5.25 -6.26
C GLN A 470 -16.71 4.55 -5.06
N LEU A 471 -15.51 4.96 -4.70
CA LEU A 471 -14.84 4.47 -3.51
C LEU A 471 -14.47 5.61 -2.55
N LEU A 472 -14.67 5.42 -1.25
CA LEU A 472 -14.12 6.32 -0.24
C LEU A 472 -12.65 5.97 0.00
N ILE A 473 -11.75 6.91 -0.29
CA ILE A 473 -10.33 6.72 0.02
C ILE A 473 -9.99 7.21 1.41
N THR A 474 -9.60 6.28 2.28
CA THR A 474 -9.07 6.67 3.58
C THR A 474 -7.54 6.60 3.58
N SER A 475 -6.93 7.24 4.55
CA SER A 475 -5.47 7.17 4.68
C SER A 475 -5.10 7.68 6.05
N TYR A 476 -3.81 7.69 6.34
CA TYR A 476 -3.38 8.45 7.46
C TYR A 476 -2.64 9.66 6.96
N ILE A 477 -2.62 10.71 7.78
CA ILE A 477 -2.02 11.97 7.44
C ILE A 477 -0.93 12.36 8.46
N THR A 478 0.15 12.98 7.97
CA THR A 478 1.37 13.23 8.73
C THR A 478 2.18 11.95 8.84
N ASN A 479 3.43 12.00 8.37
CA ASN A 479 4.28 10.85 8.53
C ASN A 479 4.69 10.58 9.99
N ARG A 480 4.97 9.32 10.30
CA ARG A 480 5.40 8.90 11.63
C ARG A 480 6.69 9.61 12.05
N GLY A 481 7.09 9.43 13.31
CA GLY A 481 8.42 9.81 13.74
C GLY A 481 8.65 11.30 13.90
N GLU A 482 7.60 12.08 13.76
CA GLU A 482 7.69 13.52 13.98
C GLU A 482 8.50 14.27 12.92
N VAL A 483 8.61 13.69 11.74
CA VAL A 483 9.20 14.39 10.61
C VAL A 483 8.57 15.77 10.32
N ALA A 484 7.33 16.00 10.73
CA ALA A 484 6.69 17.28 10.44
C ALA A 484 6.79 18.19 11.66
N GLY A 485 7.44 17.70 12.71
CA GLY A 485 7.70 18.52 13.88
C GLY A 485 7.13 17.88 15.12
N LYS A 486 7.72 18.18 16.26
CA LYS A 486 7.25 17.62 17.54
C LYS A 486 5.78 17.92 17.73
N GLY A 487 5.05 16.97 18.26
CA GLY A 487 3.62 17.17 18.48
C GLY A 487 2.75 16.98 17.24
N MET A 488 3.34 16.91 16.05
CA MET A 488 2.60 16.59 14.83
C MET A 488 2.61 15.10 14.61
N HIS A 489 1.51 14.45 14.97
CA HIS A 489 1.46 12.99 14.98
C HIS A 489 0.69 12.41 13.83
N ALA A 490 1.13 11.25 13.34
CA ALA A 490 0.34 10.51 12.34
C ALA A 490 -1.06 10.39 12.90
N THR A 491 -2.05 10.67 12.05
CA THR A 491 -3.45 10.70 12.47
C THR A 491 -4.34 10.33 11.28
N TRP A 492 -5.65 10.15 11.48
CA TRP A 492 -6.55 9.80 10.37
C TRP A 492 -6.78 10.98 9.45
N ALA A 493 -6.68 10.73 8.17
CA ALA A 493 -6.82 11.81 7.21
C ALA A 493 -8.30 12.11 7.00
N PRO A 494 -8.62 13.28 6.44
CA PRO A 494 -9.97 13.35 5.89
C PRO A 494 -10.08 12.37 4.71
N SER A 495 -11.21 11.72 4.57
CA SER A 495 -11.39 10.83 3.44
C SER A 495 -11.89 11.62 2.22
N PHE A 496 -11.68 11.07 1.03
CA PHE A 496 -12.18 11.68 -0.21
C PHE A 496 -12.68 10.63 -1.20
N LEU A 497 -13.68 10.99 -2.01
CA LEU A 497 -14.25 10.07 -2.98
C LEU A 497 -13.40 9.91 -4.21
N LEU A 498 -13.33 8.68 -4.69
CA LEU A 498 -12.66 8.34 -5.95
C LEU A 498 -13.72 7.77 -6.89
N GLN A 499 -13.69 8.22 -8.14
CA GLN A 499 -14.66 7.80 -9.14
C GLN A 499 -14.08 6.68 -9.98
N ILE A 500 -14.82 5.58 -10.09
CA ILE A 500 -14.44 4.48 -10.96
C ILE A 500 -15.24 4.57 -12.26
N ASN A 501 -14.53 4.59 -13.39
CA ASN A 501 -15.18 4.61 -14.71
C ASN A 501 -15.17 3.20 -15.31
N PRO A 502 -16.29 2.76 -15.92
CA PRO A 502 -16.25 1.42 -16.55
C PRO A 502 -15.19 1.25 -17.66
N ASP A 503 -14.67 2.34 -18.21
CA ASP A 503 -13.64 2.22 -19.25
C ASP A 503 -12.24 1.99 -18.70
N ASN A 504 -12.17 1.37 -17.52
CA ASN A 504 -10.91 1.14 -16.80
C ASN A 504 -10.10 2.40 -16.43
N THR A 505 -10.78 3.52 -16.18
CA THR A 505 -10.09 4.72 -15.67
C THR A 505 -10.68 5.21 -14.34
N THR A 506 -9.94 6.11 -13.67
CA THR A 506 -10.41 6.67 -12.38
C THR A 506 -10.21 8.16 -12.34
N THR A 507 -11.10 8.86 -11.66
CA THR A 507 -10.92 10.28 -11.37
C THR A 507 -11.11 10.56 -9.89
N VAL A 508 -10.18 11.30 -9.31
CA VAL A 508 -10.35 11.87 -7.98
C VAL A 508 -11.49 12.90 -8.01
N LEU A 509 -12.42 12.78 -7.07
CA LEU A 509 -13.50 13.74 -6.95
C LEU A 509 -13.24 14.72 -5.82
N ALA A 510 -13.66 15.97 -6.03
CA ALA A 510 -13.49 17.01 -5.05
C ALA A 510 -14.57 16.92 -3.97
N LYS A 511 -14.72 15.75 -3.36
CA LYS A 511 -15.66 15.60 -2.26
C LYS A 511 -14.90 14.97 -1.10
N MET A 512 -14.90 15.65 0.04
CA MET A 512 -14.02 15.33 1.16
C MET A 512 -14.81 15.24 2.46
N THR A 513 -14.32 14.48 3.43
CA THR A 513 -15.00 14.32 4.71
C THR A 513 -14.23 14.91 5.88
N ASN A 514 -14.80 14.82 7.08
CA ASN A 514 -14.10 15.04 8.35
C ASN A 514 -12.94 14.04 8.48
N GLN A 515 -11.97 14.33 9.34
CA GLN A 515 -10.94 13.36 9.68
C GLN A 515 -11.60 12.09 10.17
N GLY A 516 -11.14 10.94 9.66
CA GLY A 516 -11.49 9.66 10.23
C GLY A 516 -12.88 9.12 9.92
N ASP A 517 -13.51 9.67 8.90
CA ASP A 517 -14.77 9.16 8.40
C ASP A 517 -14.52 7.98 7.45
N TRP A 518 -15.04 6.82 7.83
CA TRP A 518 -14.97 5.61 7.04
C TRP A 518 -16.26 5.35 6.26
N ILE A 519 -17.28 6.18 6.47
CA ILE A 519 -18.60 5.90 5.92
C ILE A 519 -19.18 7.11 5.19
N TRP A 520 -19.05 7.14 3.87
CA TRP A 520 -19.68 8.18 3.07
C TRP A 520 -21.19 8.06 3.08
N ASP A 521 -21.84 9.21 3.30
CA ASP A 521 -23.24 9.42 3.00
C ASP A 521 -23.45 10.92 2.82
N ASP A 522 -24.69 11.35 2.68
CA ASP A 522 -24.94 12.76 2.33
C ASP A 522 -24.51 13.75 3.42
N SER A 523 -24.66 13.35 4.69
CA SER A 523 -24.26 14.18 5.82
C SER A 523 -22.73 14.27 5.99
N SER A 524 -21.98 13.49 5.22
CA SER A 524 -20.54 13.31 5.45
C SER A 524 -19.66 14.41 4.90
N GLU A 525 -20.11 15.09 3.84
CA GLU A 525 -19.23 16.04 3.19
C GLU A 525 -18.90 17.23 4.06
N ASN A 526 -17.63 17.59 4.09
CA ASN A 526 -17.14 18.79 4.77
C ASN A 526 -16.13 19.54 3.93
N PRO A 527 -16.60 20.50 3.11
CA PRO A 527 -15.74 21.23 2.21
C PRO A 527 -14.67 22.08 2.92
N ASP A 528 -14.88 22.46 4.18
CA ASP A 528 -13.85 23.18 4.92
C ASP A 528 -12.55 22.41 5.08
N MET A 529 -12.60 21.10 4.93
CA MET A 529 -11.41 20.26 4.99
C MET A 529 -10.51 20.37 3.76
N MET A 530 -11.02 20.97 2.69
CA MET A 530 -10.26 21.12 1.44
C MET A 530 -9.21 22.22 1.53
N GLY A 531 -8.01 21.93 1.02
CA GLY A 531 -6.91 22.88 1.03
C GLY A 531 -6.60 23.48 -0.33
N VAL A 532 -5.67 24.42 -0.35
CA VAL A 532 -5.23 25.06 -1.59
C VAL A 532 -3.72 25.16 -1.52
N LEU A 533 -3.08 25.12 -2.68
CA LEU A 533 -1.65 25.28 -2.71
C LEU A 533 -1.30 26.77 -2.80
N GLU A 534 -1.45 27.49 -1.70
CA GLU A 534 -1.12 28.92 -1.61
C GLU A 534 -0.55 29.12 -0.23
N LYS A 535 0.53 29.88 -0.11
CA LYS A 535 1.23 30.01 1.17
C LYS A 535 0.40 30.66 2.28
N ASP A 536 -0.33 31.73 1.94
CA ASP A 536 -0.98 32.52 2.98
C ASP A 536 -2.50 32.36 3.08
N ALA A 537 -3.09 31.49 2.28
CA ALA A 537 -4.51 31.22 2.40
C ALA A 537 -4.78 30.63 3.80
N PRO A 538 -5.93 30.96 4.39
CA PRO A 538 -6.17 30.31 5.68
C PRO A 538 -6.38 28.78 5.58
N ASN A 539 -6.65 28.28 4.38
CA ASN A 539 -6.84 26.87 4.17
C ASN A 539 -5.69 26.34 3.33
N SER A 540 -4.55 27.00 3.44
CA SER A 540 -3.32 26.48 2.87
C SER A 540 -3.10 24.99 3.19
N ALA A 541 -2.43 24.30 2.27
CA ALA A 541 -2.06 22.89 2.43
C ALA A 541 -0.78 22.77 3.29
N ALA A 542 -0.16 23.91 3.55
CA ALA A 542 1.06 24.00 4.33
C ALA A 542 0.74 24.74 5.62
N LEU A 543 1.30 24.26 6.71
CA LEU A 543 1.21 24.98 7.96
C LEU A 543 2.19 26.16 7.92
N PRO A 544 1.97 27.16 8.80
CA PRO A 544 3.01 28.19 8.91
C PRO A 544 4.41 27.55 9.09
N GLY A 545 5.40 27.97 8.31
CA GLY A 545 6.74 27.44 8.44
C GLY A 545 7.13 26.30 7.50
N GLU A 546 6.14 25.75 6.78
CA GLU A 546 6.40 24.60 5.91
C GLU A 546 6.71 24.98 4.47
N TRP A 547 6.06 26.03 3.97
CA TRP A 547 6.26 26.47 2.61
C TRP A 547 7.72 26.84 2.38
N GLY A 548 8.41 26.09 1.55
CA GLY A 548 9.81 26.39 1.30
C GLY A 548 10.81 25.81 2.29
N LYS A 549 10.35 25.03 3.26
CA LYS A 549 11.27 24.38 4.18
C LYS A 549 11.90 23.16 3.51
N PRO A 550 13.19 22.85 3.84
CA PRO A 550 13.96 21.72 3.30
C PRO A 550 13.35 20.34 3.53
N VAL A 551 13.50 19.46 2.53
CA VAL A 551 13.21 18.02 2.62
C VAL A 551 14.32 17.24 1.90
N ASP A 552 14.78 16.12 2.48
CA ASP A 552 15.85 15.27 1.89
C ASP A 552 17.14 16.05 1.58
N TRP A 553 17.57 16.86 2.57
CA TRP A 553 18.68 17.84 2.45
C TRP A 553 18.28 19.21 1.83
N ASP A 554 18.73 19.46 0.59
CA ASP A 554 18.72 20.81 0.00
C ASP A 554 17.38 21.21 -0.60
N LEU A 555 16.65 20.21 -1.11
CA LEU A 555 15.43 20.43 -1.87
C LEU A 555 14.47 21.36 -1.13
N ILE A 556 14.32 22.57 -1.65
CA ILE A 556 13.37 23.56 -1.13
C ILE A 556 11.96 23.01 -1.39
N GLY A 557 11.35 22.50 -0.34
CA GLY A 557 10.05 21.81 -0.42
C GLY A 557 8.90 22.74 -0.77
N GLY A 558 8.38 22.59 -1.99
CA GLY A 558 7.27 23.39 -2.47
C GLY A 558 7.60 24.17 -3.72
N TYR A 559 8.88 24.21 -4.06
CA TYR A 559 9.36 25.02 -5.18
C TYR A 559 8.81 24.55 -6.51
N ASN A 560 8.85 23.23 -6.73
CA ASN A 560 8.43 22.65 -8.01
C ASN A 560 6.95 22.27 -8.07
N LEU A 561 6.21 22.63 -7.01
CA LEU A 561 4.78 22.35 -6.94
C LEU A 561 3.97 23.29 -7.85
N LYS A 562 2.88 22.77 -8.40
CA LYS A 562 2.01 23.53 -9.30
C LYS A 562 0.52 23.17 -9.05
N PRO A 563 -0.41 24.08 -9.42
CA PRO A 563 -1.84 23.81 -9.24
C PRO A 563 -2.36 22.63 -10.08
N HIS A 564 -3.39 21.94 -9.57
CA HIS A 564 -3.93 20.73 -10.22
C HIS A 564 -4.90 21.04 -11.38
N GLN A 565 -4.58 20.53 -12.57
CA GLN A 565 -5.47 20.70 -13.74
C GLN A 565 -5.61 19.43 -14.61
#